data_8VK5
#
_entry.id   8VK5
#
_cell.length_a   73.570
_cell.length_b   73.570
_cell.length_c   70.450
_cell.angle_alpha   90.000
_cell.angle_beta   90.000
_cell.angle_gamma   120.000
#
_symmetry.space_group_name_H-M   'P 63'
#
loop_
_entity.id
_entity.type
_entity.pdbx_description
1 polymer 'Neutrophil elastase'
2 branched 2-acetamido-2-deoxy-beta-D-glucopyranose-(1-4)-[alpha-L-fucopyranose-(1-6)]2-acetamido-2-deoxy-beta-D-glucopyranose
3 branched alpha-L-fucopyranose-(1-6)-2-acetamido-2-deoxy-beta-D-glucopyranose
4 water water
#
_entity_poly.entity_id   1
_entity_poly.type   'polypeptide(L)'
_entity_poly.pdbx_seq_one_letter_code
;IVGGRRARPHAWPFMVSLQLRGGHFCGATLIAPNFVMSAAHCVANVNVRAVRVVLGAHNLSRREPTRQVFAVQRIFENGY
DPVNLLNDIVILQLNGSATINANVQVAQLPAQGRRLGNGVQCLAMGWGLLGRNRGIASVLQELNVTVVTSLCRRSNVCTL
VRGRQAGVCFGDSGSPLVCNGLIHGIASFVRGGCASGLYPDAFAPVAQFVNWIDSIIQ
;
_entity_poly.pdbx_strand_id   E
#
# COMPACT_ATOMS: atom_id res chain seq x y z
N ILE A 1 -7.29 6.33 -5.31
CA ILE A 1 -8.56 5.78 -4.68
C ILE A 1 -9.70 6.51 -5.34
N VAL A 2 -10.62 5.73 -5.93
CA VAL A 2 -11.83 6.21 -6.57
C VAL A 2 -12.99 6.08 -5.59
N GLY A 3 -13.68 7.17 -5.33
CA GLY A 3 -14.91 7.09 -4.53
C GLY A 3 -14.68 7.02 -3.04
N GLY A 4 -13.47 7.34 -2.59
CA GLY A 4 -13.12 7.39 -1.18
C GLY A 4 -13.35 8.75 -0.56
N ARG A 5 -12.60 9.03 0.49
CA ARG A 5 -12.73 10.27 1.24
C ARG A 5 -11.36 10.69 1.71
N ARG A 6 -11.20 11.97 1.99
CA ARG A 6 -9.96 12.43 2.60
C ARG A 6 -9.82 11.79 3.97
N ALA A 7 -8.63 11.26 4.24
CA ALA A 7 -8.26 10.85 5.57
C ALA A 7 -8.10 12.06 6.47
N ARG A 8 -8.35 11.87 7.75
CA ARG A 8 -7.95 12.87 8.70
C ARG A 8 -6.42 12.99 8.66
N PRO A 9 -5.86 14.18 8.78
CA PRO A 9 -4.40 14.27 8.70
C PRO A 9 -3.70 13.35 9.70
N HIS A 10 -2.76 12.55 9.17
CA HIS A 10 -1.91 11.66 9.95
C HIS A 10 -2.70 10.59 10.68
N ALA A 11 -3.86 10.23 10.14
CA ALA A 11 -4.64 9.16 10.73
C ALA A 11 -3.94 7.82 10.67
N TRP A 12 -3.10 7.63 9.64
CA TRP A 12 -2.49 6.35 9.27
C TRP A 12 -0.98 6.59 9.23
N PRO A 13 -0.33 6.67 10.40
CA PRO A 13 1.06 7.17 10.47
C PRO A 13 2.07 6.20 9.93
N PHE A 14 1.66 4.99 9.58
CA PHE A 14 2.48 4.03 8.85
C PHE A 14 2.43 4.21 7.34
N MET A 15 1.62 5.12 6.83
CA MET A 15 1.41 5.27 5.39
C MET A 15 2.54 6.08 4.77
N VAL A 16 3.10 5.55 3.65
CA VAL A 16 4.30 6.08 3.02
C VAL A 16 4.00 6.42 1.56
N SER A 17 4.59 7.51 1.08
CA SER A 17 4.62 7.84 -0.34
C SER A 17 6.00 7.57 -0.93
N LEU A 18 6.05 6.74 -1.98
CA LEU A 18 7.29 6.56 -2.73
C LEU A 18 7.27 7.54 -3.88
N GLN A 19 8.37 8.28 -4.06
CA GLN A 19 8.44 9.36 -5.02
C GLN A 19 9.68 9.26 -5.89
N LEU A 20 9.54 9.79 -7.10
CA LEU A 20 10.63 9.97 -8.04
C LEU A 20 10.59 11.40 -8.55
N ARG A 21 11.74 12.08 -8.53
CA ARG A 21 11.80 13.48 -8.93
C ARG A 21 10.64 14.28 -8.35
N GLY A 22 10.31 14.00 -7.09
CA GLY A 22 9.30 14.74 -6.37
C GLY A 22 7.87 14.35 -6.67
N GLY A 23 7.63 13.33 -7.47
CA GLY A 23 6.29 12.90 -7.80
C GLY A 23 6.01 11.53 -7.22
N HIS A 24 4.88 11.42 -6.57
CA HIS A 24 4.38 10.17 -6.03
C HIS A 24 4.18 9.18 -7.16
N PHE A 25 4.61 7.94 -6.94
CA PHE A 25 4.29 6.86 -7.88
C PHE A 25 3.72 5.58 -7.25
N CYS A 26 3.82 5.38 -5.95
CA CYS A 26 3.35 4.16 -5.31
C CYS A 26 3.31 4.44 -3.83
N GLY A 27 2.50 3.66 -3.13
CA GLY A 27 2.48 3.69 -1.68
C GLY A 27 3.43 2.65 -1.09
N ALA A 28 3.56 2.73 0.23
CA ALA A 28 4.30 1.75 1.02
C ALA A 28 3.81 1.82 2.45
N THR A 29 4.31 0.90 3.28
CA THR A 29 3.96 0.81 4.70
C THR A 29 5.23 0.77 5.53
N LEU A 30 5.32 1.61 6.55
CA LEU A 30 6.44 1.55 7.50
C LEU A 30 6.25 0.33 8.41
N ILE A 31 7.19 -0.62 8.34
CA ILE A 31 7.09 -1.85 9.14
C ILE A 31 8.16 -2.00 10.21
N ALA A 32 9.13 -1.10 10.24
CA ALA A 32 10.18 -0.96 11.24
C ALA A 32 10.77 0.42 11.04
N PRO A 33 11.49 0.95 12.02
CA PRO A 33 12.04 2.30 11.81
C PRO A 33 12.87 2.42 10.54
N ASN A 34 13.54 1.34 10.10
CA ASN A 34 14.41 1.44 8.94
C ASN A 34 13.96 0.55 7.77
N PHE A 35 12.69 0.13 7.72
CA PHE A 35 12.18 -0.69 6.63
C PHE A 35 10.75 -0.27 6.26
N VAL A 36 10.47 -0.23 4.95
CA VAL A 36 9.10 -0.15 4.42
C VAL A 36 8.83 -1.38 3.55
N MET A 37 7.56 -1.71 3.41
CA MET A 37 7.13 -2.75 2.48
C MET A 37 6.23 -2.13 1.43
N SER A 38 6.38 -2.61 0.20
CA SER A 38 5.58 -2.12 -0.91
C SER A 38 5.30 -3.27 -1.88
N ALA A 39 4.76 -2.96 -3.05
CA ALA A 39 4.58 -3.96 -4.10
C ALA A 39 5.85 -4.07 -4.92
N ALA A 40 6.27 -5.30 -5.22
CA ALA A 40 7.44 -5.50 -6.06
C ALA A 40 7.33 -4.80 -7.40
N HIS A 41 6.12 -4.77 -7.98
CA HIS A 41 6.02 -4.19 -9.32
C HIS A 41 6.25 -2.68 -9.30
N CYS A 42 6.13 -2.06 -8.14
CA CYS A 42 6.37 -0.63 -8.02
C CYS A 42 7.81 -0.28 -8.31
N VAL A 43 8.76 -1.14 -7.94
CA VAL A 43 10.18 -0.82 -8.07
C VAL A 43 10.88 -1.67 -9.11
N ALA A 44 10.17 -2.59 -9.75
CA ALA A 44 10.82 -3.58 -10.63
C ALA A 44 11.63 -2.91 -11.71
N ASN A 45 11.10 -1.83 -12.27
CA ASN A 45 11.71 -1.20 -13.44
C ASN A 45 12.07 0.26 -13.20
N VAL A 46 12.33 0.60 -11.94
CA VAL A 46 12.61 1.98 -11.54
C VAL A 46 14.08 2.08 -11.14
N ASN A 47 14.60 3.30 -11.24
CA ASN A 47 15.93 3.61 -10.73
C ASN A 47 15.86 3.67 -9.21
N VAL A 48 16.25 2.60 -8.55
CA VAL A 48 16.05 2.51 -7.10
C VAL A 48 16.83 3.62 -6.39
N ARG A 49 18.00 3.99 -6.93
CA ARG A 49 18.81 5.05 -6.33
C ARG A 49 18.08 6.39 -6.34
N ALA A 50 17.07 6.55 -7.19
CA ALA A 50 16.32 7.80 -7.28
C ALA A 50 15.07 7.80 -6.42
N VAL A 51 14.66 6.67 -5.85
CA VAL A 51 13.45 6.62 -5.06
C VAL A 51 13.61 7.37 -3.74
N ARG A 52 12.63 8.19 -3.44
CA ARG A 52 12.54 8.87 -2.15
C ARG A 52 11.36 8.28 -1.37
N VAL A 53 11.64 7.90 -0.13
CA VAL A 53 10.68 7.27 0.77
C VAL A 53 10.21 8.35 1.73
N VAL A 54 8.94 8.78 1.60
CA VAL A 54 8.42 9.95 2.32
C VAL A 54 7.46 9.46 3.38
N LEU A 55 7.84 9.67 4.63
CA LEU A 55 7.07 9.34 5.84
C LEU A 55 6.41 10.62 6.34
N GLY A 56 5.33 10.45 7.06
CA GLY A 56 4.69 11.56 7.74
C GLY A 56 3.92 12.51 6.85
N ALA A 57 3.55 12.08 5.65
CA ALA A 57 2.91 12.96 4.68
C ALA A 57 1.38 12.90 4.78
N HIS A 58 0.75 13.99 4.37
CA HIS A 58 -0.71 14.00 4.25
C HIS A 58 -1.14 14.63 2.93
N ASN A 59 -0.77 15.89 2.72
CA ASN A 59 -1.12 16.65 1.52
C ASN A 59 0.17 16.83 0.73
N LEU A 60 0.32 16.05 -0.34
CA LEU A 60 1.58 16.06 -1.08
C LEU A 60 1.79 17.37 -1.81
N SER A 61 0.73 18.18 -1.96
CA SER A 61 0.88 19.45 -2.67
C SER A 61 1.42 20.56 -1.79
N ARG A 62 1.50 20.34 -0.49
CA ARG A 62 1.93 21.35 0.47
C ARG A 62 3.31 21.01 1.01
N ARG A 63 4.01 22.07 1.45
CA ARG A 63 5.19 21.87 2.28
C ARG A 63 4.72 21.38 3.65
N GLU A 64 5.26 20.26 4.08
CA GLU A 64 4.88 19.65 5.35
C GLU A 64 6.10 19.36 6.21
N PRO A 65 6.32 20.11 7.28
CA PRO A 65 7.44 19.79 8.19
C PRO A 65 7.28 18.47 8.93
N THR A 66 6.10 17.86 8.91
CA THR A 66 5.95 16.54 9.52
C THR A 66 6.67 15.46 8.71
N ARG A 67 7.17 15.78 7.52
CA ARG A 67 7.69 14.72 6.67
C ARG A 67 9.13 14.39 7.02
N GLN A 68 9.45 13.12 6.80
CA GLN A 68 10.79 12.57 6.93
C GLN A 68 11.06 11.83 5.62
N VAL A 69 12.20 12.10 5.01
CA VAL A 69 12.53 11.55 3.69
C VAL A 69 13.79 10.70 3.81
N PHE A 70 13.72 9.50 3.23
CA PHE A 70 14.80 8.53 3.20
C PHE A 70 15.04 8.05 1.78
N ALA A 71 16.24 7.52 1.58
CA ALA A 71 16.62 6.81 0.37
C ALA A 71 16.55 5.31 0.65
N VAL A 72 16.63 4.52 -0.43
CA VAL A 72 16.59 3.06 -0.34
C VAL A 72 18.03 2.57 -0.35
N GLN A 73 18.41 1.86 0.71
CA GLN A 73 19.72 1.25 0.84
C GLN A 73 19.80 -0.12 0.20
N ARG A 74 18.74 -0.93 0.31
CA ARG A 74 18.78 -2.33 -0.09
C ARG A 74 17.35 -2.76 -0.34
N ILE A 75 17.16 -3.70 -1.25
CA ILE A 75 15.84 -4.27 -1.48
C ILE A 75 15.90 -5.75 -1.18
N PHE A 76 14.78 -6.27 -0.67
CA PHE A 76 14.60 -7.69 -0.38
C PHE A 76 13.35 -8.15 -1.12
N GLU A 77 13.52 -9.17 -1.94
CA GLU A 77 12.44 -9.69 -2.75
C GLU A 77 12.10 -11.09 -2.30
N ASN A 78 10.94 -11.57 -2.75
CA ASN A 78 10.43 -12.88 -2.30
C ASN A 78 9.66 -13.56 -3.41
N GLY A 79 10.33 -13.73 -4.56
CA GLY A 79 9.80 -14.52 -5.65
C GLY A 79 8.77 -13.84 -6.52
N TYR A 80 8.86 -12.53 -6.65
CA TYR A 80 7.99 -11.79 -7.55
C TYR A 80 7.97 -12.41 -8.94
N ASP A 81 6.76 -12.57 -9.46
CA ASP A 81 6.53 -13.09 -10.80
C ASP A 81 5.78 -12.00 -11.55
N PRO A 82 6.45 -11.19 -12.38
CA PRO A 82 5.77 -10.07 -13.07
C PRO A 82 4.75 -10.50 -14.10
N VAL A 83 4.85 -11.71 -14.63
CA VAL A 83 3.88 -12.14 -15.64
C VAL A 83 2.53 -12.43 -15.00
N ASN A 84 2.53 -13.14 -13.87
CA ASN A 84 1.32 -13.51 -13.16
C ASN A 84 1.00 -12.56 -12.00
N LEU A 85 1.85 -11.56 -11.72
CA LEU A 85 1.77 -10.72 -10.50
C LEU A 85 1.48 -11.58 -9.27
N LEU A 86 2.34 -12.57 -9.09
CA LEU A 86 2.38 -13.34 -7.86
C LEU A 86 3.52 -12.80 -6.98
N ASN A 87 3.34 -12.95 -5.66
CA ASN A 87 4.37 -12.56 -4.69
C ASN A 87 4.75 -11.12 -4.95
N ASP A 88 3.74 -10.26 -5.05
CA ASP A 88 3.94 -8.85 -5.38
C ASP A 88 4.22 -8.05 -4.12
N ILE A 89 5.42 -8.31 -3.57
CA ILE A 89 5.86 -7.73 -2.31
C ILE A 89 7.37 -7.50 -2.39
N VAL A 90 7.79 -6.39 -1.81
CA VAL A 90 9.20 -6.09 -1.62
C VAL A 90 9.37 -5.37 -0.30
N ILE A 91 10.53 -5.54 0.31
CA ILE A 91 10.94 -4.76 1.48
C ILE A 91 12.08 -3.85 1.06
N LEU A 92 11.97 -2.57 1.38
CA LEU A 92 12.97 -1.56 1.09
C LEU A 92 13.61 -1.17 2.43
N GLN A 93 14.89 -1.47 2.55
CA GLN A 93 15.64 -1.00 3.70
C GLN A 93 16.04 0.45 3.46
N LEU A 94 15.77 1.30 4.45
CA LEU A 94 16.08 2.71 4.36
C LEU A 94 17.53 3.00 4.74
N ASN A 95 18.00 4.17 4.30
CA ASN A 95 19.36 4.61 4.57
C ASN A 95 19.53 5.16 5.98
N GLY A 96 18.47 5.11 6.77
CA GLY A 96 18.52 5.52 8.16
C GLY A 96 17.27 5.03 8.84
N SER A 97 17.06 5.48 10.08
CA SER A 97 15.88 5.10 10.83
C SER A 97 14.96 6.29 11.06
N ALA A 98 13.67 6.06 10.85
CA ALA A 98 12.65 7.07 11.08
C ALA A 98 12.64 7.50 12.53
N THR A 99 12.32 8.77 12.76
CA THR A 99 12.03 9.31 14.08
C THR A 99 10.57 8.99 14.36
N ILE A 100 10.31 8.04 15.26
CA ILE A 100 8.92 7.64 15.54
C ILE A 100 8.27 8.72 16.39
N ASN A 101 7.06 9.14 16.01
CA ASN A 101 6.35 10.23 16.68
C ASN A 101 4.87 10.04 16.35
N ALA A 102 4.06 11.05 16.69
CA ALA A 102 2.62 10.93 16.51
C ALA A 102 2.28 10.71 15.05
N ASN A 103 3.09 11.25 14.12
CA ASN A 103 2.76 11.21 12.69
C ASN A 103 3.50 10.12 11.91
N VAL A 104 4.44 9.42 12.53
CA VAL A 104 5.29 8.43 11.89
C VAL A 104 5.38 7.24 12.85
N GLN A 105 4.76 6.12 12.49
CA GLN A 105 4.64 4.98 13.40
C GLN A 105 4.66 3.72 12.58
N VAL A 106 5.17 2.63 13.18
CA VAL A 106 5.27 1.32 12.55
C VAL A 106 3.92 0.65 12.61
N ALA A 107 3.56 0.01 11.51
CA ALA A 107 2.34 -0.76 11.38
C ALA A 107 2.42 -2.08 12.13
N GLN A 108 1.25 -2.62 12.43
N GLN A 108 1.25 -2.62 12.42
CA GLN A 108 1.11 -3.92 13.02
CA GLN A 108 1.11 -3.92 13.02
C GLN A 108 0.66 -4.93 11.97
C GLN A 108 0.66 -4.93 11.98
N LEU A 109 1.29 -6.10 11.99
CA LEU A 109 1.08 -7.12 10.99
C LEU A 109 0.34 -8.31 11.59
N PRO A 110 -0.36 -9.07 10.74
CA PRO A 110 -1.06 -10.27 11.22
C PRO A 110 -0.09 -11.42 11.45
N ALA A 111 -0.66 -12.52 11.94
CA ALA A 111 0.09 -13.75 12.10
C ALA A 111 0.26 -14.47 10.77
N GLN A 112 1.40 -15.14 10.64
CA GLN A 112 1.66 -15.94 9.45
C GLN A 112 0.49 -16.87 9.14
N GLY A 113 0.01 -16.80 7.90
CA GLY A 113 -0.98 -17.74 7.40
C GLY A 113 -2.41 -17.35 7.62
N ARG A 114 -2.67 -16.29 8.37
CA ARG A 114 -4.05 -15.87 8.60
C ARG A 114 -4.73 -15.54 7.27
N ARG A 115 -5.86 -16.20 6.98
CA ARG A 115 -6.61 -15.97 5.74
C ARG A 115 -7.97 -15.34 6.04
N LEU A 116 -8.24 -14.17 5.45
CA LEU A 116 -9.51 -13.48 5.63
C LEU A 116 -10.57 -14.06 4.70
N GLY A 117 -11.76 -14.24 5.24
CA GLY A 117 -12.88 -14.69 4.45
C GLY A 117 -13.81 -13.57 4.00
N ASN A 118 -14.82 -14.00 3.25
CA ASN A 118 -15.83 -13.08 2.77
C ASN A 118 -16.41 -12.28 3.92
N GLY A 119 -16.47 -10.98 3.73
CA GLY A 119 -17.24 -10.13 4.58
C GLY A 119 -16.42 -9.32 5.56
N VAL A 120 -15.12 -9.60 5.69
CA VAL A 120 -14.31 -8.75 6.54
C VAL A 120 -14.30 -7.34 5.96
N GLN A 121 -14.47 -6.38 6.85
CA GLN A 121 -14.51 -4.97 6.51
C GLN A 121 -13.13 -4.36 6.76
N CYS A 122 -12.56 -3.77 5.71
CA CYS A 122 -11.23 -3.20 5.74
C CYS A 122 -11.25 -1.75 5.26
N LEU A 123 -10.11 -1.09 5.37
CA LEU A 123 -9.90 0.25 4.82
C LEU A 123 -8.72 0.18 3.86
N ALA A 124 -8.94 0.56 2.61
CA ALA A 124 -7.91 0.82 1.62
C ALA A 124 -7.54 2.31 1.66
N MET A 125 -6.36 2.63 1.16
CA MET A 125 -5.93 4.04 1.21
C MET A 125 -4.85 4.26 0.17
N GLY A 126 -4.63 5.53 -0.17
CA GLY A 126 -3.51 5.87 -1.01
C GLY A 126 -3.64 7.23 -1.64
N TRP A 127 -2.59 7.60 -2.37
CA TRP A 127 -2.55 8.86 -3.12
C TRP A 127 -2.72 8.66 -4.65
N GLY A 128 -3.25 7.52 -5.06
CA GLY A 128 -3.44 7.21 -6.46
C GLY A 128 -4.57 8.00 -7.12
N LEU A 129 -4.81 7.63 -8.38
N LEU A 129 -4.78 7.65 -8.39
CA LEU A 129 -5.77 8.36 -9.19
CA LEU A 129 -5.76 8.36 -9.19
C LEU A 129 -7.14 8.38 -8.53
C LEU A 129 -7.13 8.39 -8.53
N LEU A 130 -7.81 9.53 -8.67
CA LEU A 130 -9.13 9.76 -8.09
C LEU A 130 -10.25 9.28 -8.98
N GLY A 131 -9.97 8.96 -10.22
CA GLY A 131 -10.95 8.45 -11.15
C GLY A 131 -10.47 8.84 -12.52
N ARG A 132 -11.35 8.60 -13.47
CA ARG A 132 -11.10 9.00 -14.84
C ARG A 132 -10.75 10.49 -14.89
N ASN A 133 -9.56 10.78 -15.41
CA ASN A 133 -9.18 12.14 -15.76
C ASN A 133 -8.71 13.01 -14.60
N ARG A 134 -8.99 12.65 -13.34
CA ARG A 134 -8.74 13.60 -12.26
C ARG A 134 -7.31 13.54 -11.70
N GLY A 135 -6.51 12.57 -12.08
CA GLY A 135 -5.11 12.52 -11.66
C GLY A 135 -4.85 12.02 -10.25
N ILE A 136 -3.58 12.17 -9.84
CA ILE A 136 -3.13 11.73 -8.52
C ILE A 136 -3.75 12.62 -7.43
N ALA A 137 -4.08 12.01 -6.31
CA ALA A 137 -4.61 12.78 -5.19
C ALA A 137 -3.54 13.70 -4.63
N SER A 138 -3.99 14.79 -4.03
CA SER A 138 -3.11 15.61 -3.21
C SER A 138 -3.18 15.13 -1.77
N VAL A 139 -4.40 14.99 -1.25
CA VAL A 139 -4.61 14.57 0.13
C VAL A 139 -4.82 13.06 0.19
N LEU A 140 -4.20 12.39 1.16
CA LEU A 140 -4.39 10.96 1.34
C LEU A 140 -5.87 10.60 1.40
N GLN A 141 -6.24 9.60 0.59
CA GLN A 141 -7.60 9.10 0.55
C GLN A 141 -7.71 7.75 1.24
N GLU A 142 -8.90 7.49 1.81
CA GLU A 142 -9.23 6.20 2.40
C GLU A 142 -10.58 5.74 1.85
N LEU A 143 -10.85 4.44 2.01
CA LEU A 143 -12.02 3.84 1.38
C LEU A 143 -12.44 2.57 2.10
N ASN A 144 -13.70 2.51 2.50
CA ASN A 144 -14.20 1.27 3.10
C ASN A 144 -14.37 0.22 2.01
N VAL A 145 -13.85 -0.98 2.23
CA VAL A 145 -13.97 -2.09 1.29
C VAL A 145 -14.26 -3.35 2.07
N THR A 146 -14.77 -4.36 1.38
CA THR A 146 -15.09 -5.66 1.95
C THR A 146 -14.31 -6.76 1.25
N VAL A 147 -13.78 -7.71 2.03
CA VAL A 147 -13.08 -8.84 1.45
C VAL A 147 -14.04 -9.77 0.73
N VAL A 148 -13.63 -10.19 -0.47
CA VAL A 148 -14.38 -11.15 -1.26
C VAL A 148 -13.43 -12.24 -1.75
N THR A 149 -13.98 -13.44 -1.94
CA THR A 149 -13.23 -14.53 -2.56
C THR A 149 -13.65 -14.85 -3.99
N SER A 150 -14.87 -14.46 -4.38
CA SER A 150 -15.29 -14.63 -5.77
C SER A 150 -14.42 -13.77 -6.68
N LEU A 151 -14.00 -14.34 -7.79
CA LEU A 151 -13.18 -13.67 -8.78
C LEU A 151 -11.83 -13.24 -8.18
N CYS A 152 -11.37 -13.97 -7.16
CA CYS A 152 -10.05 -13.79 -6.58
C CYS A 152 -9.28 -15.10 -6.57
N ARG A 153 -7.97 -15.04 -6.78
CA ARG A 153 -7.13 -16.22 -6.57
C ARG A 153 -6.85 -16.42 -5.08
N ARG A 154 -6.61 -17.68 -4.71
CA ARG A 154 -6.20 -17.97 -3.33
C ARG A 154 -4.89 -17.27 -2.98
N SER A 155 -4.09 -16.88 -3.97
CA SER A 155 -2.82 -16.20 -3.75
C SER A 155 -2.96 -14.69 -3.61
N ASN A 156 -4.18 -14.18 -3.56
CA ASN A 156 -4.42 -12.78 -3.26
C ASN A 156 -5.43 -12.66 -2.14
N VAL A 157 -5.47 -11.49 -1.52
N VAL A 157 -5.45 -11.48 -1.53
CA VAL A 157 -6.64 -11.01 -0.81
CA VAL A 157 -6.60 -10.96 -0.80
C VAL A 157 -7.29 -9.97 -1.70
C VAL A 157 -7.28 -9.96 -1.73
N CYS A 158 -8.57 -10.13 -1.96
CA CYS A 158 -9.32 -9.21 -2.81
C CYS A 158 -10.45 -8.54 -2.04
N THR A 159 -10.81 -7.35 -2.51
CA THR A 159 -11.84 -6.55 -1.89
C THR A 159 -12.75 -5.93 -2.95
N LEU A 160 -13.97 -5.59 -2.53
CA LEU A 160 -14.96 -4.99 -3.43
C LEU A 160 -15.84 -4.06 -2.61
N VAL A 161 -16.18 -2.94 -3.19
CA VAL A 161 -17.21 -2.06 -2.65
C VAL A 161 -18.53 -2.42 -3.31
N ARG A 162 -19.56 -2.65 -2.49
CA ARG A 162 -20.88 -3.03 -3.00
C ARG A 162 -21.74 -1.80 -3.19
N GLY A 163 -22.59 -1.86 -4.21
CA GLY A 163 -23.63 -0.87 -4.42
C GLY A 163 -23.20 0.39 -5.12
N ARG A 164 -21.93 0.50 -5.49
CA ARG A 164 -21.43 1.68 -6.19
C ARG A 164 -20.09 1.30 -6.79
N GLN A 165 -19.58 2.15 -7.69
CA GLN A 165 -18.27 1.97 -8.30
C GLN A 165 -17.19 2.75 -7.53
N ALA A 166 -16.32 2.01 -6.86
CA ALA A 166 -15.25 2.59 -6.06
C ALA A 166 -14.16 1.54 -5.89
N GLY A 167 -12.93 1.98 -5.65
CA GLY A 167 -11.84 1.05 -5.48
C GLY A 167 -10.50 1.75 -5.58
N VAL A 168 -9.44 0.97 -5.56
CA VAL A 168 -8.09 1.51 -5.73
C VAL A 168 -7.81 1.82 -7.19
N CYS A 169 -6.75 2.58 -7.45
CA CYS A 169 -6.42 2.91 -8.82
C CYS A 169 -4.92 3.16 -8.94
N PHE A 170 -4.51 3.51 -10.15
CA PHE A 170 -3.09 3.63 -10.44
C PHE A 170 -2.44 4.63 -9.49
N GLY A 171 -1.28 4.26 -8.95
CA GLY A 171 -0.65 5.07 -7.92
C GLY A 171 -0.97 4.61 -6.51
N ASP A 172 -2.00 3.82 -6.36
CA ASP A 172 -2.27 3.16 -5.10
C ASP A 172 -1.49 1.85 -4.89
N SER A 173 -0.90 1.25 -5.91
CA SER A 173 -0.11 0.05 -5.68
C SER A 173 0.91 0.29 -4.59
N GLY A 174 1.15 -0.75 -3.81
CA GLY A 174 2.07 -0.69 -2.71
C GLY A 174 1.48 -0.21 -1.40
N SER A 175 0.29 0.36 -1.42
CA SER A 175 -0.35 0.93 -0.25
C SER A 175 -0.99 -0.19 0.57
N PRO A 176 -1.07 0.04 1.89
CA PRO A 176 -1.65 -0.96 2.79
C PRO A 176 -3.16 -1.07 2.63
N LEU A 177 -3.65 -2.28 2.92
CA LEU A 177 -5.05 -2.62 3.22
C LEU A 177 -5.08 -2.95 4.70
N VAL A 178 -5.87 -2.19 5.46
CA VAL A 178 -5.93 -2.32 6.93
C VAL A 178 -7.22 -3.06 7.29
N CYS A 179 -7.12 -4.16 8.01
CA CYS A 179 -8.29 -4.96 8.40
C CYS A 179 -8.14 -5.27 9.88
N ASN A 180 -9.07 -4.77 10.69
CA ASN A 180 -9.03 -4.94 12.14
C ASN A 180 -7.68 -4.54 12.70
N GLY A 181 -7.21 -3.41 12.19
CA GLY A 181 -6.03 -2.79 12.72
C GLY A 181 -4.71 -3.31 12.20
N LEU A 182 -4.73 -4.32 11.39
CA LEU A 182 -3.54 -4.99 10.93
C LEU A 182 -3.40 -4.85 9.42
N ILE A 183 -2.16 -4.84 8.95
CA ILE A 183 -1.92 -4.72 7.51
C ILE A 183 -2.02 -6.11 6.87
N HIS A 184 -3.14 -6.34 6.18
CA HIS A 184 -3.36 -7.63 5.55
C HIS A 184 -3.15 -7.63 4.05
N GLY A 185 -3.03 -6.47 3.40
CA GLY A 185 -2.82 -6.43 1.97
C GLY A 185 -1.85 -5.32 1.59
N ILE A 186 -1.24 -5.53 0.44
CA ILE A 186 -0.48 -4.51 -0.29
C ILE A 186 -1.15 -4.37 -1.65
N ALA A 187 -1.59 -3.18 -2.01
CA ALA A 187 -2.35 -3.07 -3.26
C ALA A 187 -1.51 -3.51 -4.47
N SER A 188 -2.11 -4.36 -5.32
CA SER A 188 -1.36 -4.98 -6.41
C SER A 188 -1.95 -4.72 -7.77
N PHE A 189 -3.21 -5.09 -8.04
CA PHE A 189 -3.74 -4.85 -9.38
C PHE A 189 -5.26 -4.77 -9.38
N VAL A 190 -5.76 -4.11 -10.42
CA VAL A 190 -7.17 -4.06 -10.73
C VAL A 190 -7.43 -4.80 -12.03
N ARG A 191 -8.71 -5.03 -12.33
CA ARG A 191 -9.14 -5.63 -13.58
C ARG A 191 -10.35 -4.85 -14.07
N GLY A 192 -10.48 -4.74 -15.39
CA GLY A 192 -11.61 -3.99 -15.92
C GLY A 192 -11.55 -2.49 -15.71
N GLY A 193 -10.34 -1.97 -15.55
CA GLY A 193 -10.16 -0.58 -15.19
C GLY A 193 -10.40 -0.40 -13.71
N CYS A 194 -10.10 0.79 -13.23
CA CYS A 194 -10.36 1.09 -11.83
C CYS A 194 -11.85 1.18 -11.57
N ALA A 195 -12.26 0.73 -10.38
CA ALA A 195 -13.64 0.95 -9.90
C ALA A 195 -14.67 0.46 -10.92
N SER A 196 -14.48 -0.77 -11.38
CA SER A 196 -15.39 -1.34 -12.35
C SER A 196 -16.74 -1.65 -11.76
N GLY A 197 -16.80 -1.91 -10.46
CA GLY A 197 -18.01 -2.48 -9.92
C GLY A 197 -18.26 -3.94 -10.25
N LEU A 198 -17.27 -4.62 -10.77
CA LEU A 198 -17.39 -6.02 -11.13
C LEU A 198 -16.22 -6.81 -10.56
N TYR A 199 -15.02 -6.46 -10.97
CA TYR A 199 -13.86 -7.22 -10.51
C TYR A 199 -13.35 -6.68 -9.20
N PRO A 200 -13.10 -7.54 -8.22
CA PRO A 200 -12.50 -7.06 -6.97
C PRO A 200 -11.09 -6.57 -7.21
N ASP A 201 -10.62 -5.67 -6.32
CA ASP A 201 -9.24 -5.23 -6.30
C ASP A 201 -8.37 -6.31 -5.65
N ALA A 202 -7.16 -6.53 -6.17
CA ALA A 202 -6.29 -7.59 -5.67
C ALA A 202 -5.13 -7.00 -4.91
N PHE A 203 -4.84 -7.59 -3.75
CA PHE A 203 -3.75 -7.20 -2.85
C PHE A 203 -2.83 -8.39 -2.64
N ALA A 204 -1.53 -8.13 -2.50
CA ALA A 204 -0.61 -9.14 -2.03
C ALA A 204 -1.01 -9.53 -0.61
N PRO A 205 -1.07 -10.82 -0.29
CA PRO A 205 -1.60 -11.27 1.00
C PRO A 205 -0.52 -11.26 2.08
N VAL A 206 -0.42 -10.14 2.80
CA VAL A 206 0.68 -9.91 3.75
C VAL A 206 0.84 -11.09 4.69
N ALA A 207 -0.27 -11.66 5.17
CA ALA A 207 -0.12 -12.72 6.17
C ALA A 207 0.66 -13.93 5.66
N GLN A 208 0.64 -14.17 4.34
CA GLN A 208 1.42 -15.27 3.80
C GLN A 208 2.91 -15.03 3.83
N PHE A 209 3.34 -13.78 4.10
CA PHE A 209 4.73 -13.41 4.02
C PHE A 209 5.34 -12.99 5.36
N VAL A 210 4.60 -13.16 6.46
CA VAL A 210 5.00 -12.55 7.72
C VAL A 210 6.29 -13.16 8.28
N ASN A 211 6.46 -14.50 8.23
CA ASN A 211 7.70 -15.07 8.75
C ASN A 211 8.88 -14.51 7.96
N TRP A 212 8.71 -14.34 6.64
CA TRP A 212 9.77 -13.78 5.79
C TRP A 212 10.04 -12.33 6.16
N ILE A 213 8.96 -11.56 6.33
CA ILE A 213 9.10 -10.16 6.75
C ILE A 213 9.85 -10.07 8.07
N ASP A 214 9.42 -10.88 9.04
CA ASP A 214 10.04 -10.85 10.37
C ASP A 214 11.51 -11.18 10.28
N SER A 215 11.89 -12.11 9.39
CA SER A 215 13.29 -12.51 9.32
C SER A 215 14.18 -11.37 8.85
N ILE A 216 13.62 -10.46 8.06
CA ILE A 216 14.37 -9.36 7.48
C ILE A 216 14.44 -8.18 8.42
N ILE A 217 13.31 -7.78 9.02
CA ILE A 217 13.32 -6.59 9.88
C ILE A 217 13.97 -6.91 11.20
N GLN A 218 14.42 -8.15 11.39
CA GLN A 218 15.31 -8.56 12.47
C GLN A 218 14.77 -8.09 13.80
#